data_3RYE
#
_entry.id   3RYE
#
_cell.length_a   111.311
_cell.length_b   111.311
_cell.length_c   69.713
_cell.angle_alpha   90.00
_cell.angle_beta   90.00
_cell.angle_gamma   90.00
#
_symmetry.space_group_name_H-M   'P 41 21 2'
#
loop_
_entity.id
_entity.type
_entity.pdbx_description
1 polymer 'Farnesyl pyrophosphate synthase'
2 non-polymer 3-(2-hydroxy-2,2-diphosphonoethyl)-1-methylpyridinium
3 non-polymer 'MAGNESIUM ION'
4 non-polymer 'SULFATE ION'
5 water water
#
_entity_poly.entity_id   1
_entity_poly.type   'polypeptide(L)'
_entity_poly.pdbx_seq_one_letter_code
;SNSDVYAQEKQDFVQHFSQIVRVLTEDEMGHPEIGDAIARLKEVLEYNAIGGKYNRGLTVVVAFRELVEPRKQDADSLQR
AWTVGWCVELLQAFFLVADDIMDSSLTRRGQICWYQKPGVGLDAINDANLLEACIYRLLKLYCREQPYYLNLIELFLQSS
YQTEIGQTLDLLTAPQGNVDLVRFTEKRYKSIVKYKTAFYSFYLPIAAAMYMAGIDGEKEHANAKKILLEMGEFFQIQDD
YLDLFGDPSVTGKIGTDIQDNKCSWLVVQCLQRATPEQYQILKENYGQKEAEKVARVKALYEELDLPAVFLQYEEDSYSH
IMALIEQYAAPLPPAVFLGLARKIYKRRK
;
_entity_poly.pdbx_strand_id   A
#
# COMPACT_ATOMS: atom_id res chain seq x y z
N ASP A 4 7.04 -4.18 21.39
CA ASP A 4 6.41 -4.97 20.30
C ASP A 4 7.16 -4.82 18.98
N VAL A 5 7.06 -5.83 18.12
CA VAL A 5 8.16 -6.23 17.26
C VAL A 5 8.51 -5.18 16.20
N TYR A 6 7.50 -4.41 15.78
CA TYR A 6 7.71 -3.40 14.76
C TYR A 6 8.55 -2.21 15.22
N ALA A 7 8.22 -1.63 16.37
CA ALA A 7 8.95 -0.47 16.87
C ALA A 7 10.40 -0.85 17.21
N GLN A 8 10.62 -2.14 17.39
CA GLN A 8 11.89 -2.67 17.88
C GLN A 8 12.76 -3.25 16.76
N GLU A 9 12.22 -3.25 15.55
CA GLU A 9 13.04 -3.55 14.39
C GLU A 9 13.26 -2.29 13.55
N LYS A 10 12.48 -1.26 13.87
CA LYS A 10 12.34 -0.10 13.00
C LYS A 10 13.67 0.59 12.77
N GLN A 11 14.38 0.88 13.86
CA GLN A 11 15.55 1.74 13.83
C GLN A 11 16.65 1.15 12.97
N ASP A 12 16.89 -0.15 13.13
CA ASP A 12 17.84 -0.88 12.30
C ASP A 12 17.39 -0.83 10.84
N PHE A 13 16.10 -0.99 10.63
CA PHE A 13 15.55 -1.03 9.27
C PHE A 13 15.74 0.31 8.57
N VAL A 14 15.36 1.39 9.25
CA VAL A 14 15.46 2.72 8.68
C VAL A 14 16.90 3.14 8.40
N GLN A 15 17.80 2.75 9.29
CA GLN A 15 19.20 3.10 9.10
C GLN A 15 19.82 2.34 7.93
N HIS A 16 19.30 1.17 7.63
CA HIS A 16 19.78 0.39 6.48
C HIS A 16 19.60 1.18 5.18
N PHE A 17 18.75 2.21 5.20
CA PHE A 17 18.42 2.94 3.99
C PHE A 17 19.65 3.60 3.38
N SER A 18 20.45 4.27 4.20
CA SER A 18 21.67 4.88 3.64
C SER A 18 22.54 3.85 2.92
N GLN A 19 22.44 2.58 3.31
CA GLN A 19 23.22 1.54 2.64
C GLN A 19 22.58 1.15 1.31
N ILE A 20 21.26 1.05 1.29
CA ILE A 20 20.48 0.86 0.06
C ILE A 20 20.88 1.90 -1.00
N VAL A 21 20.84 3.16 -0.59
CA VAL A 21 21.17 4.30 -1.43
C VAL A 21 22.61 4.27 -1.93
N ARG A 22 23.54 3.95 -1.03
CA ARG A 22 24.95 3.90 -1.37
C ARG A 22 25.20 2.82 -2.42
N VAL A 23 24.64 1.64 -2.21
CA VAL A 23 24.81 0.57 -3.19
C VAL A 23 24.14 0.86 -4.53
N LEU A 24 22.97 1.52 -4.50
CA LEU A 24 22.26 1.86 -5.74
C LEU A 24 22.90 3.04 -6.45
N THR A 25 23.93 3.61 -5.82
CA THR A 25 24.57 4.81 -6.33
C THR A 25 26.01 4.53 -6.79
N GLU A 26 26.36 3.25 -6.87
CA GLU A 26 27.72 2.82 -7.17
C GLU A 26 27.85 2.17 -8.56
N ASP A 27 27.00 2.57 -9.49
CA ASP A 27 27.29 2.47 -10.93
C ASP A 27 28.38 3.47 -11.30
N GLU A 28 29.53 3.37 -10.63
CA GLU A 28 30.49 4.46 -10.62
C GLU A 28 31.91 3.93 -10.80
N HIS A 31 31.07 3.76 -14.85
CA HIS A 31 30.40 4.64 -15.81
C HIS A 31 30.08 6.01 -15.21
N PRO A 32 31.11 6.87 -15.06
CA PRO A 32 30.97 8.27 -14.63
C PRO A 32 30.03 9.11 -15.50
N GLU A 33 29.90 8.73 -16.76
CA GLU A 33 28.96 9.38 -17.68
C GLU A 33 27.52 9.48 -17.17
N ILE A 34 27.07 8.51 -16.38
CA ILE A 34 25.70 8.56 -15.87
C ILE A 34 25.56 9.24 -14.52
N GLY A 35 26.60 9.95 -14.09
CA GLY A 35 26.63 10.51 -12.75
C GLY A 35 25.44 11.40 -12.46
N ASP A 36 25.13 12.31 -13.39
CA ASP A 36 23.99 13.21 -13.21
C ASP A 36 22.67 12.45 -13.04
N ALA A 37 22.51 11.34 -13.74
CA ALA A 37 21.30 10.52 -13.62
C ALA A 37 21.26 9.82 -12.27
N ILE A 38 22.43 9.40 -11.81
CA ILE A 38 22.55 8.66 -10.57
C ILE A 38 22.29 9.61 -9.40
N ALA A 39 22.69 10.87 -9.55
CA ALA A 39 22.36 11.91 -8.57
C ALA A 39 20.86 12.23 -8.52
N ARG A 40 20.20 12.18 -9.68
CA ARG A 40 18.76 12.38 -9.74
C ARG A 40 18.05 11.22 -9.03
N LEU A 41 18.50 9.99 -9.30
CA LEU A 41 17.93 8.81 -8.63
C LEU A 41 18.03 8.92 -7.11
N LYS A 42 19.20 9.31 -6.61
CA LYS A 42 19.37 9.57 -5.18
C LYS A 42 18.33 10.54 -4.64
N GLU A 43 18.14 11.66 -5.33
CA GLU A 43 17.16 12.65 -4.91
C GLU A 43 15.75 12.04 -4.91
N VAL A 44 15.46 11.25 -5.94
CA VAL A 44 14.16 10.60 -6.05
C VAL A 44 13.90 9.66 -4.87
N LEU A 45 14.93 8.88 -4.49
CA LEU A 45 14.79 7.89 -3.43
C LEU A 45 14.58 8.60 -2.10
N GLU A 46 15.41 9.62 -1.86
CA GLU A 46 15.33 10.37 -0.63
C GLU A 46 14.01 11.08 -0.43
N TYR A 47 13.44 11.62 -1.51
CA TYR A 47 12.16 12.31 -1.40
C TYR A 47 11.03 11.31 -1.25
N ASN A 48 11.13 10.15 -1.91
CA ASN A 48 9.93 9.33 -2.15
C ASN A 48 9.85 7.99 -1.43
N ALA A 49 10.99 7.52 -0.91
CA ALA A 49 10.98 6.29 -0.13
C ALA A 49 11.08 6.55 1.39
N ILE A 50 11.33 7.80 1.77
CA ILE A 50 11.45 8.19 3.19
C ILE A 50 10.25 9.00 3.64
N GLY A 51 9.76 8.74 4.85
CA GLY A 51 8.81 9.64 5.51
C GLY A 51 7.47 9.00 5.79
N GLY A 52 7.32 7.74 5.42
CA GLY A 52 6.12 6.99 5.76
C GLY A 52 6.36 6.16 7.01
N LYS A 53 5.44 5.26 7.34
CA LYS A 53 5.59 4.43 8.54
C LYS A 53 6.45 3.18 8.34
N TYR A 54 6.76 2.84 7.09
CA TYR A 54 7.59 1.68 6.78
C TYR A 54 7.01 0.31 7.13
N ASN A 55 5.70 0.23 7.31
CA ASN A 55 5.10 -0.99 7.85
C ASN A 55 5.19 -2.18 6.90
N ARG A 56 5.15 -1.91 5.59
CA ARG A 56 5.20 -3.01 4.63
C ARG A 56 6.58 -3.65 4.65
N GLY A 57 7.61 -2.83 4.56
CA GLY A 57 8.98 -3.37 4.56
C GLY A 57 9.35 -3.95 5.91
N LEU A 58 8.80 -3.39 6.98
CA LEU A 58 9.09 -3.90 8.31
C LEU A 58 8.47 -5.27 8.50
N THR A 59 7.28 -5.48 7.91
CA THR A 59 6.62 -6.77 7.96
C THR A 59 7.51 -7.87 7.38
N VAL A 60 8.24 -7.59 6.30
CA VAL A 60 9.24 -8.54 5.81
C VAL A 60 10.27 -8.88 6.90
N VAL A 61 10.82 -7.87 7.55
CA VAL A 61 11.86 -8.11 8.56
C VAL A 61 11.30 -8.86 9.78
N VAL A 62 10.16 -8.41 10.28
CA VAL A 62 9.50 -9.06 11.42
C VAL A 62 9.17 -10.52 11.11
N ALA A 63 8.43 -10.76 10.03
CA ALA A 63 8.09 -12.11 9.61
C ALA A 63 9.30 -13.00 9.39
N PHE A 64 10.40 -12.41 8.92
CA PHE A 64 11.61 -13.18 8.69
C PHE A 64 12.14 -13.73 10.01
N ARG A 65 12.28 -12.85 11.00
CA ARG A 65 12.70 -13.26 12.34
C ARG A 65 11.81 -14.34 12.96
N GLU A 66 10.52 -14.32 12.64
CA GLU A 66 9.60 -15.27 13.24
C GLU A 66 9.49 -16.59 12.48
N LEU A 67 9.95 -16.61 11.23
CA LEU A 67 9.79 -17.80 10.40
C LEU A 67 11.09 -18.58 10.23
N VAL A 68 12.22 -17.90 10.40
CA VAL A 68 13.52 -18.52 10.13
C VAL A 68 14.14 -18.93 11.46
N GLU A 69 14.75 -20.11 11.47
CA GLU A 69 15.49 -20.60 12.63
C GLU A 69 16.55 -19.59 13.06
N PRO A 70 16.56 -19.20 14.35
CA PRO A 70 17.53 -18.23 14.83
C PRO A 70 18.97 -18.57 14.47
N ARG A 71 19.26 -19.86 14.31
CA ARG A 71 20.62 -20.28 13.96
C ARG A 71 20.91 -20.01 12.49
N LYS A 72 19.86 -19.72 11.71
CA LYS A 72 20.03 -19.38 10.31
C LYS A 72 19.92 -17.88 10.07
N GLN A 73 19.81 -17.12 11.15
CA GLN A 73 19.76 -15.66 11.06
C GLN A 73 21.12 -14.97 11.19
N ASP A 74 22.09 -15.43 10.41
CA ASP A 74 23.40 -14.80 10.36
C ASP A 74 23.33 -13.36 9.86
N ALA A 75 24.47 -12.67 9.90
CA ALA A 75 24.54 -11.26 9.52
C ALA A 75 24.08 -11.04 8.08
N ASP A 76 24.40 -12.01 7.22
CA ASP A 76 24.17 -11.85 5.78
C ASP A 76 22.72 -12.09 5.40
N SER A 77 22.09 -13.06 6.07
CA SER A 77 20.72 -13.37 5.77
C SER A 77 19.81 -12.27 6.32
N LEU A 78 20.29 -11.59 7.36
CA LEU A 78 19.58 -10.45 7.93
C LEU A 78 19.67 -9.23 7.02
N GLN A 79 20.85 -8.95 6.51
CA GLN A 79 21.01 -7.94 5.48
C GLN A 79 20.09 -8.17 4.30
N ARG A 80 19.98 -9.43 3.88
CA ARG A 80 19.10 -9.79 2.78
C ARG A 80 17.65 -9.51 3.14
N ALA A 81 17.28 -9.77 4.40
CA ALA A 81 15.92 -9.50 4.83
C ALA A 81 15.59 -8.00 4.81
N TRP A 82 16.52 -7.18 5.28
CA TRP A 82 16.35 -5.73 5.28
C TRP A 82 16.25 -5.17 3.87
N THR A 83 17.05 -5.72 2.95
CA THR A 83 17.03 -5.29 1.56
C THR A 83 15.69 -5.63 0.92
N VAL A 84 15.22 -6.86 1.15
CA VAL A 84 13.92 -7.25 0.59
C VAL A 84 12.77 -6.40 1.16
N GLY A 85 12.83 -6.12 2.46
CA GLY A 85 11.95 -5.12 3.05
C GLY A 85 11.96 -3.78 2.34
N TRP A 86 13.15 -3.24 2.10
CA TRP A 86 13.27 -2.02 1.34
C TRP A 86 12.75 -2.14 -0.10
N CYS A 87 12.94 -3.30 -0.73
CA CYS A 87 12.33 -3.57 -2.02
C CYS A 87 10.82 -3.38 -2.00
N VAL A 88 10.15 -3.83 -0.93
CA VAL A 88 8.71 -3.63 -0.82
C VAL A 88 8.40 -2.15 -0.64
N GLU A 89 9.27 -1.40 0.05
CA GLU A 89 9.05 0.04 0.21
C GLU A 89 9.29 0.79 -1.10
N LEU A 90 10.23 0.31 -1.91
CA LEU A 90 10.49 0.92 -3.21
C LEU A 90 9.32 0.68 -4.17
N LEU A 91 8.68 -0.48 -4.06
CA LEU A 91 7.49 -0.76 -4.86
C LEU A 91 6.32 0.17 -4.49
N GLN A 92 6.18 0.41 -3.19
CA GLN A 92 5.22 1.38 -2.69
C GLN A 92 5.57 2.79 -3.19
N ALA A 93 6.84 3.19 -3.12
CA ALA A 93 7.23 4.50 -3.59
C ALA A 93 6.88 4.69 -5.07
N PHE A 94 7.26 3.72 -5.90
CA PHE A 94 6.87 3.69 -7.32
C PHE A 94 5.36 3.89 -7.51
N PHE A 95 4.56 3.09 -6.83
CA PHE A 95 3.11 3.18 -6.97
C PHE A 95 2.54 4.52 -6.52
N LEU A 96 3.07 5.09 -5.43
CA LEU A 96 2.51 6.33 -4.89
C LEU A 96 2.83 7.54 -5.76
N VAL A 97 4.03 7.56 -6.31
CA VAL A 97 4.43 8.67 -7.15
C VAL A 97 3.51 8.80 -8.37
N ALA A 98 3.19 7.65 -8.95
CA ALA A 98 2.30 7.55 -10.12
C ALA A 98 0.86 7.80 -9.71
N ASP A 99 0.44 7.15 -8.63
CA ASP A 99 -0.93 7.33 -8.13
C ASP A 99 -1.24 8.80 -7.80
N ASP A 100 -0.26 9.51 -7.25
CA ASP A 100 -0.47 10.93 -6.94
C ASP A 100 -0.64 11.82 -8.17
N ILE A 101 0.09 11.52 -9.23
CA ILE A 101 -0.16 12.15 -10.54
C ILE A 101 -1.58 11.84 -10.98
N MET A 102 -1.94 10.56 -11.00
CA MET A 102 -3.23 10.14 -11.57
C MET A 102 -4.45 10.54 -10.78
N ASP A 103 -4.30 10.67 -9.46
CA ASP A 103 -5.38 11.13 -8.58
C ASP A 103 -5.37 12.64 -8.37
N SER A 104 -4.44 13.34 -9.03
CA SER A 104 -4.29 14.78 -8.87
C SER A 104 -4.12 15.20 -7.41
N SER A 105 -3.24 14.54 -6.68
CA SER A 105 -3.11 14.81 -5.26
C SER A 105 -2.17 15.98 -4.98
N LEU A 106 -2.24 16.51 -3.76
CA LEU A 106 -1.46 17.68 -3.38
C LEU A 106 -0.27 17.34 -2.49
N THR A 107 -0.51 16.60 -1.41
CA THR A 107 0.54 16.28 -0.46
C THR A 107 0.59 14.77 -0.23
N ARG A 108 1.76 14.30 0.14
CA ARG A 108 1.95 12.88 0.49
C ARG A 108 2.98 12.87 1.62
N ARG A 109 2.70 12.16 2.69
CA ARG A 109 3.66 12.00 3.79
C ARG A 109 4.11 13.36 4.31
N GLY A 110 3.20 14.33 4.33
CA GLY A 110 3.45 15.59 5.01
C GLY A 110 4.27 16.57 4.20
N GLN A 111 4.49 16.27 2.92
CA GLN A 111 5.12 17.23 2.02
C GLN A 111 4.40 17.30 0.67
N ILE A 112 4.73 18.32 -0.13
CA ILE A 112 4.14 18.40 -1.47
C ILE A 112 4.48 17.14 -2.28
N CYS A 113 3.52 16.61 -3.03
CA CYS A 113 3.76 15.44 -3.88
C CYS A 113 4.93 15.70 -4.83
N TRP A 114 5.73 14.67 -5.10
CA TRP A 114 6.91 14.79 -5.95
C TRP A 114 6.57 15.52 -7.26
N TYR A 115 5.50 15.11 -7.94
CA TYR A 115 5.26 15.70 -9.26
C TYR A 115 4.83 17.16 -9.20
N GLN A 116 4.30 17.60 -8.05
CA GLN A 116 3.90 18.99 -7.87
C GLN A 116 5.08 19.88 -7.52
N LYS A 117 6.25 19.28 -7.26
CA LYS A 117 7.43 20.07 -6.93
C LYS A 117 7.89 20.86 -8.15
N PRO A 118 8.15 22.17 -7.96
CA PRO A 118 8.60 23.00 -9.08
C PRO A 118 9.78 22.32 -9.76
N GLY A 119 9.74 22.18 -11.08
CA GLY A 119 10.87 21.63 -11.81
C GLY A 119 10.80 20.11 -11.95
N VAL A 120 9.82 19.47 -11.32
CA VAL A 120 9.62 18.04 -11.54
C VAL A 120 8.53 17.76 -12.58
N GLY A 121 7.27 18.00 -12.22
CA GLY A 121 6.16 17.83 -13.15
C GLY A 121 6.10 16.40 -13.69
N LEU A 122 5.84 16.24 -14.98
CA LEU A 122 5.65 14.89 -15.53
C LEU A 122 6.94 14.09 -15.73
N ASP A 123 8.11 14.71 -15.52
CA ASP A 123 9.33 13.92 -15.33
C ASP A 123 9.21 12.84 -14.25
N ALA A 124 8.24 13.00 -13.36
CA ALA A 124 8.07 12.05 -12.27
C ALA A 124 7.61 10.68 -12.76
N ILE A 125 7.02 10.63 -13.95
CA ILE A 125 6.69 9.35 -14.56
C ILE A 125 7.96 8.50 -14.70
N ASN A 126 9.01 9.06 -15.27
CA ASN A 126 10.27 8.34 -15.35
C ASN A 126 10.90 8.07 -13.99
N ASP A 127 10.74 8.99 -13.04
CA ASP A 127 11.34 8.79 -11.72
C ASP A 127 10.69 7.58 -11.08
N ALA A 128 9.37 7.47 -11.20
CA ALA A 128 8.64 6.33 -10.67
C ALA A 128 9.11 5.00 -11.28
N ASN A 129 9.26 4.95 -12.60
CA ASN A 129 9.77 3.75 -13.27
C ASN A 129 11.17 3.34 -12.79
N LEU A 130 12.08 4.31 -12.60
CA LEU A 130 13.37 4.04 -11.99
C LEU A 130 13.27 3.38 -10.60
N LEU A 131 12.42 3.92 -9.74
CA LEU A 131 12.24 3.31 -8.43
C LEU A 131 11.85 1.86 -8.57
N GLU A 132 10.97 1.55 -9.52
CA GLU A 132 10.57 0.18 -9.78
C GLU A 132 11.80 -0.63 -10.18
N ALA A 133 12.61 -0.09 -11.09
CA ALA A 133 13.79 -0.78 -11.57
C ALA A 133 14.77 -1.11 -10.43
N CYS A 134 14.86 -0.22 -9.44
CA CYS A 134 15.75 -0.43 -8.29
C CYS A 134 15.45 -1.70 -7.50
N ILE A 135 14.18 -2.06 -7.39
CA ILE A 135 13.80 -3.32 -6.80
C ILE A 135 14.66 -4.46 -7.34
N TYR A 136 14.63 -4.63 -8.66
CA TYR A 136 15.18 -5.84 -9.29
C TYR A 136 16.70 -5.77 -9.29
N ARG A 137 17.21 -4.56 -9.27
CA ARG A 137 18.63 -4.31 -9.09
C ARG A 137 19.13 -4.74 -7.71
N LEU A 138 18.37 -4.43 -6.66
CA LEU A 138 18.71 -4.90 -5.33
C LEU A 138 18.57 -6.41 -5.18
N LEU A 139 17.51 -6.98 -5.73
CA LEU A 139 17.33 -8.43 -5.64
C LEU A 139 18.56 -9.13 -6.23
N LYS A 140 19.04 -8.64 -7.36
CA LYS A 140 20.19 -9.26 -7.99
C LYS A 140 21.45 -9.11 -7.15
N LEU A 141 21.70 -7.89 -6.66
CA LEU A 141 22.92 -7.59 -5.93
C LEU A 141 23.02 -8.36 -4.62
N TYR A 142 21.89 -8.63 -3.97
CA TYR A 142 21.88 -9.24 -2.66
C TYR A 142 21.44 -10.70 -2.67
N CYS A 143 20.60 -11.09 -3.61
CA CYS A 143 19.89 -12.36 -3.51
C CYS A 143 20.13 -13.33 -4.64
N ARG A 144 20.98 -12.99 -5.60
CA ARG A 144 20.99 -13.76 -6.83
C ARG A 144 21.48 -15.20 -6.64
N GLU A 145 22.30 -15.40 -5.61
CA GLU A 145 22.85 -16.72 -5.29
C GLU A 145 21.89 -17.62 -4.51
N GLN A 146 20.77 -17.07 -4.06
CA GLN A 146 19.91 -17.79 -3.11
C GLN A 146 18.89 -18.66 -3.84
N PRO A 147 18.45 -19.76 -3.21
CA PRO A 147 17.45 -20.66 -3.81
C PRO A 147 16.13 -19.98 -4.15
N TYR A 148 15.82 -18.87 -3.49
CA TYR A 148 14.51 -18.23 -3.60
C TYR A 148 14.54 -17.00 -4.50
N TYR A 149 15.70 -16.74 -5.12
CA TYR A 149 15.87 -15.62 -6.05
C TYR A 149 14.73 -15.48 -7.06
N LEU A 150 14.47 -16.53 -7.84
CA LEU A 150 13.44 -16.52 -8.86
C LEU A 150 12.02 -16.36 -8.29
N ASN A 151 11.73 -17.11 -7.23
CA ASN A 151 10.52 -16.91 -6.43
C ASN A 151 10.24 -15.43 -6.11
N LEU A 152 11.26 -14.74 -5.59
CA LEU A 152 11.13 -13.33 -5.23
C LEU A 152 10.89 -12.44 -6.45
N ILE A 153 11.70 -12.61 -7.50
CA ILE A 153 11.50 -11.83 -8.73
C ILE A 153 10.06 -11.96 -9.20
N GLU A 154 9.57 -13.20 -9.31
CA GLU A 154 8.24 -13.46 -9.84
C GLU A 154 7.16 -12.93 -8.90
N LEU A 155 7.43 -12.99 -7.60
CA LEU A 155 6.48 -12.44 -6.62
C LEU A 155 6.31 -10.92 -6.77
N PHE A 156 7.43 -10.21 -6.89
CA PHE A 156 7.38 -8.77 -7.09
C PHE A 156 6.73 -8.37 -8.41
N LEU A 157 7.00 -9.13 -9.48
CA LEU A 157 6.44 -8.82 -10.79
C LEU A 157 4.95 -9.11 -10.75
N GLN A 158 4.57 -10.21 -10.13
CA GLN A 158 3.17 -10.59 -10.13
C GLN A 158 2.38 -9.63 -9.25
N SER A 159 2.98 -9.24 -8.12
CA SER A 159 2.38 -8.22 -7.27
C SER A 159 2.14 -6.89 -8.01
N SER A 160 3.11 -6.47 -8.82
CA SER A 160 2.97 -5.25 -9.61
C SER A 160 1.85 -5.37 -10.63
N TYR A 161 1.80 -6.50 -11.32
CA TYR A 161 0.72 -6.73 -12.29
C TYR A 161 -0.66 -6.68 -11.63
N GLN A 162 -0.80 -7.36 -10.49
CA GLN A 162 -2.09 -7.35 -9.80
C GLN A 162 -2.48 -5.93 -9.38
N THR A 163 -1.50 -5.18 -8.89
CA THR A 163 -1.78 -3.82 -8.43
C THR A 163 -2.19 -2.91 -9.59
N GLU A 164 -1.54 -3.06 -10.74
CA GLU A 164 -1.85 -2.31 -11.95
C GLU A 164 -3.23 -2.64 -12.50
N ILE A 165 -3.62 -3.90 -12.40
CA ILE A 165 -4.96 -4.31 -12.77
C ILE A 165 -6.00 -3.63 -11.87
N GLY A 166 -5.73 -3.65 -10.56
CA GLY A 166 -6.57 -2.93 -9.61
C GLY A 166 -6.65 -1.43 -9.85
N GLN A 167 -5.51 -0.79 -10.07
CA GLN A 167 -5.47 0.61 -10.48
C GLN A 167 -6.31 0.88 -11.72
N THR A 168 -6.23 -0.04 -12.69
CA THR A 168 -7.08 0.04 -13.86
C THR A 168 -8.56 0.08 -13.50
N LEU A 169 -9.00 -0.84 -12.65
CA LEU A 169 -10.40 -0.84 -12.21
C LEU A 169 -10.78 0.41 -11.40
N ASP A 170 -9.88 0.84 -10.53
CA ASP A 170 -10.06 2.07 -9.78
C ASP A 170 -10.31 3.21 -10.77
N LEU A 171 -9.45 3.35 -11.78
CA LEU A 171 -9.55 4.45 -12.73
C LEU A 171 -10.78 4.34 -13.65
N LEU A 172 -11.11 3.14 -14.11
CA LEU A 172 -12.28 2.92 -14.98
C LEU A 172 -13.59 3.21 -14.27
N THR A 173 -13.62 2.94 -12.96
CA THR A 173 -14.85 3.08 -12.20
C THR A 173 -15.04 4.54 -11.82
N ALA A 174 -13.99 5.34 -12.01
CA ALA A 174 -14.02 6.75 -11.62
C ALA A 174 -13.75 7.68 -12.79
N PRO A 175 -14.56 7.59 -13.85
CA PRO A 175 -14.26 8.46 -14.99
C PRO A 175 -14.49 9.94 -14.63
N GLN A 176 -13.52 10.78 -14.98
CA GLN A 176 -13.52 12.17 -14.56
C GLN A 176 -14.68 12.90 -15.22
N GLY A 177 -15.41 13.71 -14.46
CA GLY A 177 -16.48 14.53 -15.02
C GLY A 177 -17.73 13.77 -15.42
N ASN A 178 -17.87 12.53 -14.94
CA ASN A 178 -18.96 11.68 -15.39
C ASN A 178 -19.72 11.03 -14.23
N VAL A 179 -21.02 11.26 -14.14
CA VAL A 179 -21.85 10.71 -13.07
C VAL A 179 -21.67 9.19 -12.86
N ASP A 180 -22.52 8.40 -13.49
CA ASP A 180 -23.54 7.69 -12.73
C ASP A 180 -23.05 6.86 -11.53
N LEU A 181 -23.86 6.88 -10.49
CA LEU A 181 -23.49 6.25 -9.23
C LEU A 181 -23.84 4.77 -9.31
N VAL A 182 -24.47 4.36 -10.42
CA VAL A 182 -24.88 2.98 -10.62
C VAL A 182 -23.65 2.07 -10.62
N ARG A 183 -22.49 2.62 -11.00
CA ARG A 183 -21.21 1.93 -10.97
C ARG A 183 -20.72 1.52 -9.58
N PHE A 184 -21.07 2.30 -8.56
CA PHE A 184 -20.44 2.18 -7.25
C PHE A 184 -21.17 1.12 -6.42
N THR A 185 -20.88 -0.16 -6.66
CA THR A 185 -21.48 -1.24 -5.89
C THR A 185 -20.46 -1.91 -4.96
N GLU A 186 -20.98 -2.75 -4.07
CA GLU A 186 -20.15 -3.46 -3.10
C GLU A 186 -19.28 -4.50 -3.80
N LYS A 187 -19.88 -5.24 -4.72
CA LYS A 187 -19.15 -6.21 -5.52
C LYS A 187 -17.96 -5.54 -6.21
N ARG A 188 -18.24 -4.45 -6.92
CA ARG A 188 -17.19 -3.73 -7.61
C ARG A 188 -16.10 -3.25 -6.64
N TYR A 189 -16.55 -2.71 -5.50
CA TYR A 189 -15.63 -2.12 -4.53
C TYR A 189 -14.63 -3.19 -4.07
N LYS A 190 -15.15 -4.37 -3.75
CA LYS A 190 -14.31 -5.44 -3.21
C LYS A 190 -13.27 -5.94 -4.21
N SER A 191 -13.63 -5.98 -5.49
CA SER A 191 -12.66 -6.35 -6.53
C SER A 191 -11.55 -5.32 -6.66
N ILE A 192 -11.93 -4.04 -6.69
CA ILE A 192 -10.92 -2.99 -6.77
C ILE A 192 -9.85 -3.14 -5.70
N VAL A 193 -10.27 -3.19 -4.44
CA VAL A 193 -9.33 -3.07 -3.34
C VAL A 193 -8.50 -4.36 -3.18
N LYS A 194 -9.11 -5.50 -3.45
CA LYS A 194 -8.36 -6.75 -3.51
C LYS A 194 -7.15 -6.64 -4.44
N TYR A 195 -7.39 -6.17 -5.66
CA TYR A 195 -6.30 -6.04 -6.63
C TYR A 195 -5.37 -4.87 -6.37
N LYS A 196 -5.92 -3.69 -6.11
CA LYS A 196 -5.07 -2.50 -6.00
C LYS A 196 -4.28 -2.44 -4.70
N THR A 197 -4.80 -3.07 -3.65
CA THR A 197 -4.21 -2.88 -2.33
C THR A 197 -3.75 -4.17 -1.69
N ALA A 198 -4.62 -5.16 -1.70
CA ALA A 198 -4.50 -6.30 -0.79
C ALA A 198 -3.28 -7.16 -1.12
N PHE A 199 -3.02 -7.39 -2.41
CA PHE A 199 -1.89 -8.22 -2.80
C PHE A 199 -0.53 -7.63 -2.40
N TYR A 200 -0.29 -6.35 -2.71
CA TYR A 200 1.06 -5.83 -2.51
C TYR A 200 1.31 -5.32 -1.10
N SER A 201 0.22 -5.01 -0.40
CA SER A 201 0.35 -4.40 0.92
C SER A 201 0.46 -5.47 2.00
N PHE A 202 -0.18 -6.61 1.76
CA PHE A 202 -0.33 -7.64 2.79
C PHE A 202 0.20 -9.01 2.38
N TYR A 203 -0.25 -9.55 1.25
CA TYR A 203 0.34 -10.80 0.78
C TYR A 203 1.82 -10.71 0.46
N LEU A 204 2.21 -9.70 -0.31
CA LEU A 204 3.59 -9.58 -0.77
C LEU A 204 4.64 -9.66 0.35
N PRO A 205 4.55 -8.80 1.37
CA PRO A 205 5.65 -8.83 2.34
C PRO A 205 5.75 -10.12 3.17
N ILE A 206 4.63 -10.66 3.62
CA ILE A 206 4.63 -12.00 4.23
C ILE A 206 5.13 -13.10 3.29
N ALA A 207 4.54 -13.19 2.09
CA ALA A 207 4.98 -14.18 1.11
C ALA A 207 6.49 -14.13 0.87
N ALA A 208 7.04 -12.92 0.84
CA ALA A 208 8.46 -12.74 0.59
C ALA A 208 9.30 -13.36 1.71
N ALA A 209 8.90 -13.08 2.95
CA ALA A 209 9.54 -13.68 4.12
C ALA A 209 9.41 -15.19 4.08
N MET A 210 8.22 -15.68 3.72
CA MET A 210 7.99 -17.11 3.57
C MET A 210 8.96 -17.75 2.56
N TYR A 211 9.05 -17.22 1.35
CA TYR A 211 10.00 -17.77 0.39
C TYR A 211 11.41 -17.70 0.94
N MET A 212 11.75 -16.61 1.60
CA MET A 212 13.08 -16.49 2.18
C MET A 212 13.35 -17.56 3.24
N ALA A 213 12.31 -18.04 3.90
CA ALA A 213 12.47 -19.03 4.96
C ALA A 213 12.35 -20.46 4.45
N GLY A 214 12.21 -20.59 3.13
CA GLY A 214 12.10 -21.89 2.48
C GLY A 214 10.69 -22.42 2.46
N ILE A 215 9.73 -21.59 2.84
CA ILE A 215 8.34 -22.01 2.81
C ILE A 215 7.74 -21.64 1.46
N ASP A 216 7.78 -22.58 0.52
CA ASP A 216 7.37 -22.27 -0.84
C ASP A 216 6.15 -23.06 -1.29
N GLY A 217 5.54 -23.80 -0.37
CA GLY A 217 4.41 -24.65 -0.71
C GLY A 217 3.16 -23.87 -1.12
N GLU A 218 2.57 -24.27 -2.24
CA GLU A 218 1.35 -23.64 -2.73
C GLU A 218 0.24 -23.56 -1.67
N LYS A 219 0.08 -24.61 -0.89
CA LYS A 219 -1.04 -24.67 0.04
C LYS A 219 -0.84 -23.70 1.19
N GLU A 220 0.40 -23.60 1.66
CA GLU A 220 0.71 -22.65 2.73
C GLU A 220 0.59 -21.21 2.27
N HIS A 221 1.00 -20.91 1.05
CA HIS A 221 0.79 -19.58 0.50
C HIS A 221 -0.69 -19.28 0.33
N ALA A 222 -1.46 -20.28 -0.07
CA ALA A 222 -2.91 -20.08 -0.22
C ALA A 222 -3.60 -19.78 1.11
N ASN A 223 -3.19 -20.47 2.17
CA ASN A 223 -3.74 -20.21 3.50
C ASN A 223 -3.36 -18.82 4.03
N ALA A 224 -2.09 -18.47 3.92
CA ALA A 224 -1.63 -17.16 4.31
C ALA A 224 -2.41 -16.08 3.56
N LYS A 225 -2.56 -16.28 2.25
CA LYS A 225 -3.31 -15.34 1.41
C LYS A 225 -4.75 -15.14 1.88
N LYS A 226 -5.36 -16.20 2.41
CA LYS A 226 -6.76 -16.11 2.87
C LYS A 226 -6.93 -15.05 3.97
N ILE A 227 -6.01 -15.03 4.91
CA ILE A 227 -6.03 -14.03 5.98
C ILE A 227 -5.64 -12.68 5.39
N LEU A 228 -4.55 -12.66 4.62
CA LEU A 228 -3.89 -11.42 4.30
C LEU A 228 -4.73 -10.56 3.33
N LEU A 229 -5.53 -11.20 2.48
CA LEU A 229 -6.35 -10.44 1.52
C LEU A 229 -7.51 -9.76 2.23
N GLU A 230 -8.07 -10.43 3.22
CA GLU A 230 -9.07 -9.82 4.09
C GLU A 230 -8.55 -8.64 4.94
N MET A 231 -7.39 -8.80 5.57
CA MET A 231 -6.75 -7.63 6.18
C MET A 231 -6.60 -6.50 5.17
N GLY A 232 -6.21 -6.82 3.95
CA GLY A 232 -5.99 -5.77 2.96
C GLY A 232 -7.28 -5.06 2.60
N GLU A 233 -8.36 -5.82 2.48
CA GLU A 233 -9.63 -5.19 2.23
C GLU A 233 -9.98 -4.18 3.33
N PHE A 234 -9.88 -4.61 4.59
CA PHE A 234 -10.15 -3.66 5.66
C PHE A 234 -9.25 -2.42 5.62
N PHE A 235 -7.97 -2.63 5.33
CA PHE A 235 -7.02 -1.52 5.32
C PHE A 235 -7.37 -0.46 4.26
N GLN A 236 -7.90 -0.90 3.13
CA GLN A 236 -8.29 0.05 2.10
C GLN A 236 -9.57 0.76 2.48
N ILE A 237 -10.50 0.03 3.09
CA ILE A 237 -11.70 0.64 3.64
C ILE A 237 -11.31 1.72 4.66
N GLN A 238 -10.38 1.40 5.54
CA GLN A 238 -9.87 2.41 6.47
C GLN A 238 -9.23 3.60 5.75
N ASP A 239 -8.53 3.35 4.63
CA ASP A 239 -7.85 4.43 3.91
C ASP A 239 -8.90 5.35 3.31
N ASP A 240 -9.99 4.77 2.81
CA ASP A 240 -11.07 5.55 2.24
C ASP A 240 -11.73 6.41 3.32
N TYR A 241 -11.98 5.82 4.49
CA TYR A 241 -12.65 6.57 5.55
C TYR A 241 -11.80 7.77 5.95
N LEU A 242 -10.51 7.52 6.13
CA LEU A 242 -9.57 8.57 6.51
C LEU A 242 -9.33 9.64 5.45
N ASP A 243 -9.55 9.29 4.18
CA ASP A 243 -9.52 10.28 3.10
C ASP A 243 -10.40 11.51 3.38
N LEU A 244 -11.58 11.28 3.95
CA LEU A 244 -12.49 12.38 4.31
C LEU A 244 -12.42 12.77 5.80
N PHE A 245 -12.32 11.77 6.67
CA PHE A 245 -12.55 11.98 8.10
C PHE A 245 -11.28 11.90 8.93
N GLY A 246 -10.15 11.67 8.28
CA GLY A 246 -8.87 11.58 8.99
C GLY A 246 -8.28 12.97 9.16
N ASP A 247 -7.29 13.10 10.03
CA ASP A 247 -6.66 14.39 10.22
C ASP A 247 -5.38 14.41 9.40
N PRO A 248 -5.28 15.35 8.45
CA PRO A 248 -4.17 15.38 7.50
C PRO A 248 -2.82 15.45 8.19
N SER A 249 -2.77 16.04 9.39
CA SER A 249 -1.52 16.09 10.13
C SER A 249 -1.07 14.71 10.60
N VAL A 250 -2.01 13.76 10.68
CA VAL A 250 -1.69 12.37 10.95
C VAL A 250 -1.52 11.50 9.71
N THR A 251 -2.45 11.59 8.76
CA THR A 251 -2.34 10.86 7.49
C THR A 251 -1.21 11.36 6.60
N GLY A 252 -0.91 12.65 6.67
CA GLY A 252 0.18 13.20 5.87
C GLY A 252 -0.25 13.61 4.47
N LYS A 253 -1.53 13.53 4.17
CA LYS A 253 -2.00 13.77 2.80
C LYS A 253 -3.41 14.38 2.76
N ILE A 254 -3.66 15.21 1.75
CA ILE A 254 -5.00 15.76 1.54
C ILE A 254 -5.82 14.79 0.70
N GLY A 255 -7.07 14.56 1.11
CA GLY A 255 -7.93 13.60 0.43
C GLY A 255 -8.60 14.17 -0.81
N THR A 256 -8.83 13.34 -1.82
CA THR A 256 -9.34 13.77 -3.12
C THR A 256 -10.45 12.87 -3.66
N ASP A 257 -10.92 11.92 -2.86
CA ASP A 257 -11.78 10.87 -3.38
C ASP A 257 -13.08 11.41 -3.97
N ILE A 258 -13.68 12.38 -3.28
CA ILE A 258 -14.96 12.91 -3.74
C ILE A 258 -14.74 13.71 -5.01
N GLN A 259 -13.79 14.64 -5.01
CA GLN A 259 -13.54 15.37 -6.25
C GLN A 259 -13.09 14.49 -7.42
N ASP A 260 -12.38 13.40 -7.11
CA ASP A 260 -11.90 12.48 -8.15
C ASP A 260 -12.96 11.48 -8.58
N ASN A 261 -14.18 11.60 -8.04
CA ASN A 261 -15.26 10.70 -8.43
C ASN A 261 -15.00 9.20 -8.11
N LYS A 262 -14.38 8.91 -6.97
CA LYS A 262 -13.91 7.54 -6.68
C LYS A 262 -14.99 6.63 -6.14
N CYS A 263 -14.88 5.34 -6.45
CA CYS A 263 -15.67 4.30 -5.79
C CYS A 263 -15.10 4.04 -4.39
N SER A 264 -15.24 5.03 -3.50
CA SER A 264 -14.85 4.92 -2.10
C SER A 264 -15.83 4.03 -1.33
N TRP A 265 -15.35 3.45 -0.25
CA TRP A 265 -16.20 2.67 0.64
C TRP A 265 -17.34 3.57 1.17
N LEU A 266 -17.02 4.83 1.45
CA LEU A 266 -18.01 5.78 1.94
C LEU A 266 -19.17 6.02 0.96
N VAL A 267 -18.85 6.27 -0.30
CA VAL A 267 -19.91 6.41 -1.30
C VAL A 267 -20.77 5.18 -1.49
N VAL A 268 -20.15 4.01 -1.39
CA VAL A 268 -20.85 2.73 -1.53
C VAL A 268 -21.83 2.54 -0.38
N GLN A 269 -21.36 2.84 0.84
CA GLN A 269 -22.20 2.80 2.04
C GLN A 269 -23.28 3.88 1.99
N CYS A 270 -22.91 5.07 1.54
CA CYS A 270 -23.88 6.14 1.33
C CYS A 270 -25.02 5.65 0.42
N LEU A 271 -24.67 5.13 -0.75
CA LEU A 271 -25.66 4.67 -1.72
C LEU A 271 -26.60 3.61 -1.16
N GLN A 272 -26.08 2.76 -0.29
CA GLN A 272 -26.88 1.70 0.28
C GLN A 272 -27.94 2.25 1.23
N ARG A 273 -27.73 3.46 1.74
CA ARG A 273 -28.57 3.98 2.80
C ARG A 273 -29.46 5.16 2.40
N ALA A 274 -29.21 5.75 1.24
CA ALA A 274 -29.80 7.04 0.94
C ALA A 274 -31.26 6.90 0.51
N THR A 275 -32.11 7.82 0.96
CA THR A 275 -33.40 8.07 0.32
C THR A 275 -33.19 8.62 -1.08
N PRO A 276 -34.20 8.47 -1.97
CA PRO A 276 -34.11 9.04 -3.30
C PRO A 276 -33.71 10.53 -3.32
N GLU A 277 -34.19 11.29 -2.34
CA GLU A 277 -33.79 12.68 -2.20
C GLU A 277 -32.30 12.83 -1.90
N GLN A 278 -31.77 11.95 -1.06
CA GLN A 278 -30.37 12.00 -0.70
C GLN A 278 -29.47 11.57 -1.86
N TYR A 279 -29.91 10.55 -2.58
CA TYR A 279 -29.34 10.15 -3.86
C TYR A 279 -29.11 11.32 -4.82
N GLN A 280 -30.11 12.19 -4.94
CA GLN A 280 -30.04 13.32 -5.87
C GLN A 280 -28.99 14.34 -5.43
N ILE A 281 -28.92 14.60 -4.13
CA ILE A 281 -27.88 15.46 -3.57
C ILE A 281 -26.49 14.91 -3.89
N LEU A 282 -26.26 13.66 -3.54
CA LEU A 282 -25.01 12.97 -3.93
C LEU A 282 -24.77 13.17 -5.42
N LYS A 283 -25.76 12.88 -6.24
CA LYS A 283 -25.60 12.91 -7.70
C LYS A 283 -25.26 14.30 -8.25
N GLU A 284 -25.83 15.34 -7.64
CA GLU A 284 -25.58 16.70 -8.09
C GLU A 284 -24.23 17.23 -7.60
N ASN A 285 -23.63 16.54 -6.63
CA ASN A 285 -22.51 17.11 -5.89
C ASN A 285 -21.19 16.30 -5.97
N TYR A 286 -21.30 15.00 -6.29
CA TYR A 286 -20.14 14.10 -6.26
C TYR A 286 -19.31 14.33 -7.51
N GLY A 287 -18.00 14.13 -7.41
CA GLY A 287 -17.16 14.08 -8.60
C GLY A 287 -16.77 15.43 -9.18
N GLN A 288 -16.67 16.45 -8.33
CA GLN A 288 -16.50 17.82 -8.78
C GLN A 288 -15.60 18.64 -7.87
N LYS A 289 -14.90 19.60 -8.45
CA LYS A 289 -13.78 20.24 -7.77
C LYS A 289 -14.22 21.28 -6.73
N GLU A 290 -15.50 21.67 -6.75
CA GLU A 290 -15.94 22.83 -5.97
C GLU A 290 -16.08 22.51 -4.48
N ALA A 291 -15.37 23.26 -3.65
CA ALA A 291 -15.33 22.98 -2.20
C ALA A 291 -16.72 22.87 -1.59
N GLU A 292 -17.62 23.74 -2.03
CA GLU A 292 -18.97 23.76 -1.47
C GLU A 292 -19.70 22.46 -1.85
N LYS A 293 -19.37 21.90 -3.00
CA LYS A 293 -19.99 20.64 -3.39
C LYS A 293 -19.44 19.46 -2.58
N VAL A 294 -18.12 19.42 -2.42
CA VAL A 294 -17.49 18.41 -1.56
C VAL A 294 -18.01 18.46 -0.12
N ALA A 295 -18.26 19.67 0.38
CA ALA A 295 -18.82 19.85 1.71
C ALA A 295 -20.26 19.35 1.84
N ARG A 296 -21.07 19.45 0.79
CA ARG A 296 -22.40 18.85 0.85
C ARG A 296 -22.36 17.33 0.92
N VAL A 297 -21.42 16.70 0.21
CA VAL A 297 -21.30 15.25 0.25
C VAL A 297 -20.91 14.81 1.67
N LYS A 298 -19.89 15.46 2.23
CA LYS A 298 -19.48 15.18 3.60
C LYS A 298 -20.66 15.27 4.56
N ALA A 299 -21.53 16.25 4.32
CA ALA A 299 -22.66 16.52 5.21
C ALA A 299 -23.66 15.38 5.09
N LEU A 300 -23.90 14.93 3.86
CA LEU A 300 -24.74 13.76 3.66
C LEU A 300 -24.16 12.53 4.38
N TYR A 301 -22.85 12.35 4.31
CA TYR A 301 -22.22 11.20 4.93
C TYR A 301 -22.48 11.22 6.45
N GLU A 302 -22.35 12.40 7.06
CA GLU A 302 -22.54 12.53 8.49
C GLU A 302 -24.00 12.42 8.90
N GLU A 303 -24.88 12.97 8.09
CA GLU A 303 -26.32 12.79 8.24
C GLU A 303 -26.65 11.30 8.30
N LEU A 304 -25.94 10.50 7.51
CA LEU A 304 -26.19 9.06 7.45
C LEU A 304 -25.37 8.26 8.48
N ASP A 305 -24.62 8.96 9.32
CA ASP A 305 -23.89 8.34 10.44
C ASP A 305 -22.78 7.42 9.96
N LEU A 306 -22.13 7.80 8.86
CA LEU A 306 -21.18 6.92 8.20
C LEU A 306 -19.96 6.66 9.07
N PRO A 307 -19.52 7.65 9.86
CA PRO A 307 -18.44 7.42 10.80
C PRO A 307 -18.78 6.35 11.84
N ALA A 308 -20.05 6.31 12.26
CA ALA A 308 -20.52 5.26 13.16
C ALA A 308 -20.60 3.92 12.45
N VAL A 309 -21.04 3.91 11.19
CA VAL A 309 -21.02 2.67 10.42
C VAL A 309 -19.60 2.10 10.27
N PHE A 310 -18.63 2.99 10.09
CA PHE A 310 -17.24 2.56 9.95
C PHE A 310 -16.67 1.98 11.24
N LEU A 311 -16.96 2.62 12.37
CA LEU A 311 -16.48 2.12 13.66
C LEU A 311 -17.02 0.73 13.96
N GLN A 312 -18.27 0.49 13.61
CA GLN A 312 -18.89 -0.82 13.75
C GLN A 312 -18.33 -1.86 12.78
N TYR A 313 -18.09 -1.46 11.53
CA TYR A 313 -17.43 -2.35 10.58
C TYR A 313 -16.02 -2.71 11.03
N GLU A 314 -15.27 -1.75 11.56
CA GLU A 314 -13.91 -2.06 12.00
C GLU A 314 -13.93 -3.15 13.07
N GLU A 315 -14.92 -3.09 13.96
CA GLU A 315 -15.05 -4.11 14.99
C GLU A 315 -15.43 -5.46 14.40
N ASP A 316 -16.46 -5.51 13.57
CA ASP A 316 -16.85 -6.76 12.89
C ASP A 316 -15.67 -7.34 12.11
N SER A 317 -14.91 -6.47 11.45
CA SER A 317 -13.85 -6.89 10.55
C SER A 317 -12.73 -7.50 11.39
N TYR A 318 -12.37 -6.80 12.47
CA TYR A 318 -11.37 -7.31 13.41
C TYR A 318 -11.70 -8.73 13.89
N SER A 319 -12.96 -8.97 14.24
CA SER A 319 -13.34 -10.26 14.79
C SER A 319 -13.26 -11.33 13.71
N HIS A 320 -13.68 -10.95 12.52
CA HIS A 320 -13.65 -11.86 11.38
C HIS A 320 -12.22 -12.26 11.05
N ILE A 321 -11.31 -11.30 11.02
CA ILE A 321 -9.90 -11.57 10.71
C ILE A 321 -9.27 -12.47 11.77
N MET A 322 -9.59 -12.23 13.03
CA MET A 322 -9.11 -13.10 14.11
C MET A 322 -9.61 -14.53 13.92
N ALA A 323 -10.89 -14.69 13.58
CA ALA A 323 -11.43 -15.99 13.23
C ALA A 323 -10.68 -16.69 12.11
N LEU A 324 -10.27 -15.91 11.09
CA LEU A 324 -9.52 -16.47 9.98
C LEU A 324 -8.12 -16.89 10.42
N ILE A 325 -7.54 -16.17 11.37
CA ILE A 325 -6.20 -16.53 11.84
C ILE A 325 -6.25 -17.83 12.64
N GLU A 326 -7.29 -18.01 13.44
CA GLU A 326 -7.54 -19.30 14.09
C GLU A 326 -7.67 -20.42 13.07
N GLN A 327 -8.40 -20.16 11.99
CA GLN A 327 -8.62 -21.20 10.98
C GLN A 327 -7.37 -21.52 10.16
N TYR A 328 -6.61 -20.50 9.78
CA TYR A 328 -5.75 -20.60 8.59
C TYR A 328 -4.28 -20.38 8.91
N ALA A 329 -3.98 -19.91 10.11
CA ALA A 329 -2.59 -19.59 10.42
C ALA A 329 -1.68 -20.82 10.38
N ALA A 330 -2.07 -21.90 11.05
CA ALA A 330 -1.18 -23.06 11.20
C ALA A 330 -0.75 -23.55 9.83
N PRO A 331 0.53 -23.93 9.68
CA PRO A 331 1.50 -24.14 10.73
C PRO A 331 2.44 -22.98 11.02
N LEU A 332 2.21 -21.81 10.43
CA LEU A 332 3.02 -20.63 10.75
C LEU A 332 2.64 -20.07 12.13
N PRO A 333 3.57 -19.37 12.79
CA PRO A 333 3.26 -18.80 14.11
C PRO A 333 2.15 -17.76 13.99
N PRO A 334 1.07 -17.90 14.78
CA PRO A 334 0.05 -16.88 14.72
C PRO A 334 0.57 -15.46 14.94
N ALA A 335 1.68 -15.32 15.67
CA ALA A 335 2.23 -14.01 15.97
C ALA A 335 2.47 -13.18 14.70
N VAL A 336 2.88 -13.86 13.62
CA VAL A 336 3.10 -13.22 12.33
C VAL A 336 1.88 -12.39 11.93
N PHE A 337 0.71 -13.02 11.88
CA PHE A 337 -0.51 -12.31 11.55
C PHE A 337 -0.97 -11.33 12.62
N LEU A 338 -0.75 -11.69 13.89
CA LEU A 338 -1.23 -10.88 15.00
C LEU A 338 -0.49 -9.55 15.05
N GLY A 339 0.82 -9.59 14.83
CA GLY A 339 1.60 -8.37 14.79
C GLY A 339 1.04 -7.43 13.74
N LEU A 340 0.73 -7.98 12.56
CA LEU A 340 0.18 -7.21 11.45
C LEU A 340 -1.15 -6.59 11.84
N ALA A 341 -2.04 -7.42 12.40
CA ALA A 341 -3.36 -6.93 12.78
C ALA A 341 -3.28 -5.84 13.85
N ARG A 342 -2.29 -5.94 14.74
CA ARG A 342 -2.04 -4.90 15.73
C ARG A 342 -1.77 -3.56 15.04
N LYS A 343 -0.94 -3.63 13.99
CA LYS A 343 -0.52 -2.46 13.22
C LYS A 343 -1.69 -1.73 12.57
N ILE A 344 -2.63 -2.48 11.99
CA ILE A 344 -3.72 -1.83 11.26
C ILE A 344 -4.99 -1.57 12.07
N TYR A 345 -5.25 -2.37 13.10
CA TYR A 345 -6.49 -2.19 13.87
C TYR A 345 -6.38 -1.29 15.11
N LYS A 346 -5.19 -0.76 15.37
CA LYS A 346 -4.96 0.13 16.50
C LYS A 346 -6.15 1.04 16.78
#